data_4QIK
#
_entry.id   4QIK
#
_cell.length_a   90.800
_cell.length_b   93.100
_cell.length_c   100.200
_cell.angle_alpha   90.00
_cell.angle_beta   90.00
_cell.angle_gamma   90.00
#
_symmetry.space_group_name_H-M   'P 21 21 21'
#
loop_
_entity.id
_entity.type
_entity.pdbx_description
1 polymer Roquin-1
2 polymer "5'-R(*AP*C*AP*UP*GP*UP*UP*UP*UP*CP*UP*GP*UP*GP*AP*AP*AP*AP*CP*GP*GP*AP*G)-3'"
3 non-polymer 'CHLORIDE ION'
4 non-polymer GLYCEROL
5 water water
#
loop_
_entity_poly.entity_id
_entity_poly.type
_entity_poly.pdbx_seq_one_letter_code
_entity_poly.pdbx_strand_id
1 'polypeptide(L)'
;(MSE)ASGVEDTKHYEEAKKCVEELALYLKPLSSARGVGLNSTTQSVLSRP(MSE)QRKLVTLVHCQLVEEEGRIRA
(MSE)RAARSLGERTVTELILQHQNPQQLSSNLWAAVRARGCQFLGPA(MSE)QEEALKLVLLALEDGSALSRKVLVLFV
VQRLEPRFPQASKTSIGHVVQLLYRASCFKVTKRDEDSSL(MSE)QLKEEFRTYEALRREHDSQIVQIA(MSE)EAGLRI
APDQWSSLLYGDQSHKSH(MSE)QSIIDKLQTPASFAQSVQELTIALQRTGDPANLNRLRPHLELLANIDPSPDAPPPTW
EQLENGLVAVRTVVHGLVDYIQNHSKKGADQQQLEHHHHHH
;
A,B
2 'polyribonucleotide' ACAUGUUUUCUGUGAAAACGGAG C,D
#
# COMPACT_ATOMS: atom_id res chain seq x y z
N GLY A 4 1.56 52.99 -9.88
CA GLY A 4 0.75 53.86 -10.71
C GLY A 4 0.12 54.94 -9.85
N VAL A 5 -0.98 55.52 -10.31
CA VAL A 5 -1.78 56.35 -9.42
C VAL A 5 -3.22 55.87 -9.41
N GLU A 6 -3.48 54.78 -10.14
CA GLU A 6 -4.79 54.13 -10.13
C GLU A 6 -4.84 53.06 -9.07
N ASP A 7 -3.76 52.91 -8.32
CA ASP A 7 -3.64 51.82 -7.36
C ASP A 7 -4.74 51.91 -6.32
N THR A 8 -4.90 53.10 -5.74
CA THR A 8 -5.98 53.33 -4.78
C THR A 8 -7.40 53.04 -5.31
N LYS A 9 -7.70 53.51 -6.53
CA LYS A 9 -8.98 53.25 -7.19
C LYS A 9 -9.27 51.74 -7.37
N HIS A 10 -8.23 51.00 -7.72
CA HIS A 10 -8.32 49.54 -7.86
C HIS A 10 -8.61 48.93 -6.51
N TYR A 11 -7.88 49.41 -5.50
CA TYR A 11 -8.10 49.01 -4.12
C TYR A 11 -9.57 49.20 -3.72
N GLU A 12 -10.11 50.38 -4.00
CA GLU A 12 -11.48 50.71 -3.60
C GLU A 12 -12.52 49.80 -4.27
N GLU A 13 -12.33 49.50 -5.55
CA GLU A 13 -13.20 48.54 -6.22
C GLU A 13 -13.04 47.11 -5.66
N ALA A 14 -11.82 46.74 -5.34
CA ALA A 14 -11.56 45.41 -4.81
C ALA A 14 -12.19 45.24 -3.43
N LYS A 15 -12.06 46.28 -2.63
CA LYS A 15 -12.63 46.35 -1.28
C LYS A 15 -14.14 46.28 -1.32
N LYS A 16 -14.73 46.94 -2.32
CA LYS A 16 -16.18 46.93 -2.51
C LYS A 16 -16.69 45.53 -2.87
N CYS A 17 -15.95 44.81 -3.74
CA CYS A 17 -16.30 43.43 -4.06
C CYS A 17 -16.28 42.56 -2.82
N VAL A 18 -15.23 42.69 -2.03
CA VAL A 18 -15.11 41.86 -0.83
C VAL A 18 -16.21 42.20 0.17
N GLU A 19 -16.54 43.48 0.31
CA GLU A 19 -17.66 43.88 1.17
C GLU A 19 -18.96 43.20 0.78
N GLU A 20 -19.27 43.17 -0.51
CA GLU A 20 -20.49 42.54 -0.98
C GLU A 20 -20.49 41.02 -0.74
N LEU A 21 -19.34 40.39 -0.98
CA LEU A 21 -19.22 38.96 -0.70
C LEU A 21 -19.41 38.64 0.77
N ALA A 22 -18.83 39.48 1.62
CA ALA A 22 -18.96 39.30 3.07
C ALA A 22 -20.42 39.26 3.51
N LEU A 23 -21.29 39.93 2.77
CA LEU A 23 -22.71 39.99 3.15
C LEU A 23 -23.30 38.60 3.07
N TYR A 24 -22.81 37.76 2.15
CA TYR A 24 -23.34 36.38 2.10
C TYR A 24 -23.02 35.50 3.33
N LEU A 25 -22.10 35.90 4.17
CA LEU A 25 -21.78 35.18 5.40
C LEU A 25 -22.70 35.52 6.57
N LYS A 26 -23.41 36.66 6.47
CA LYS A 26 -24.38 37.07 7.50
C LYS A 26 -25.52 36.06 7.59
N PRO A 27 -26.03 35.82 8.82
CA PRO A 27 -26.83 34.64 9.11
C PRO A 27 -27.99 34.34 8.15
N LEU A 28 -28.64 35.35 7.54
CA LEU A 28 -29.81 35.10 6.66
C LEU A 28 -29.61 35.45 5.18
N SER A 29 -28.51 36.11 4.85
CA SER A 29 -28.35 36.65 3.51
C SER A 29 -28.39 35.58 2.43
N SER A 30 -28.00 34.36 2.81
CA SER A 30 -27.88 33.28 1.83
C SER A 30 -28.89 32.17 2.13
N ALA A 31 -29.97 32.55 2.81
CA ALA A 31 -30.98 31.58 3.22
C ALA A 31 -31.53 30.82 2.03
N ARG A 32 -31.74 29.51 2.19
CA ARG A 32 -32.39 28.71 1.14
C ARG A 32 -33.79 29.23 0.78
N GLY A 33 -34.61 29.51 1.81
CA GLY A 33 -35.91 30.11 1.59
C GLY A 33 -36.41 30.81 2.84
N VAL A 34 -37.07 31.96 2.68
CA VAL A 34 -37.54 32.72 3.85
C VAL A 34 -38.98 32.39 4.26
N GLY A 35 -39.62 31.49 3.54
CA GLY A 35 -40.98 31.07 3.87
C GLY A 35 -41.18 30.64 5.32
N LEU A 36 -40.21 29.89 5.85
CA LEU A 36 -40.30 29.23 7.16
C LEU A 36 -38.95 29.28 7.86
N ASN A 37 -38.95 29.48 9.18
CA ASN A 37 -37.70 29.44 9.96
C ASN A 37 -36.88 28.17 9.68
N SER A 38 -37.56 27.04 9.51
CA SER A 38 -36.84 25.77 9.34
C SER A 38 -36.08 25.66 8.00
N THR A 39 -36.24 26.64 7.12
CA THR A 39 -35.54 26.59 5.83
C THR A 39 -34.63 27.80 5.61
N THR A 40 -34.25 28.45 6.71
CA THR A 40 -33.44 29.65 6.63
C THR A 40 -31.95 29.31 6.71
N GLN A 41 -31.62 28.01 6.63
CA GLN A 41 -30.22 27.62 6.53
C GLN A 41 -29.54 28.19 5.28
N SER A 42 -28.25 28.50 5.40
CA SER A 42 -27.48 29.10 4.30
C SER A 42 -27.34 28.11 3.16
N VAL A 43 -27.43 28.60 1.94
CA VAL A 43 -27.14 27.76 0.78
C VAL A 43 -25.64 27.50 0.58
N LEU A 44 -24.80 28.23 1.30
CA LEU A 44 -23.37 28.09 1.14
C LEU A 44 -22.89 26.95 2.02
N SER A 45 -22.23 25.98 1.40
CA SER A 45 -21.73 24.80 2.07
C SER A 45 -20.61 25.21 3.03
N ARG A 46 -20.20 24.30 3.91
CA ARG A 46 -19.10 24.64 4.79
C ARG A 46 -17.78 25.03 4.07
N PRO A 47 -17.39 24.31 2.99
CA PRO A 47 -16.21 24.74 2.23
C PRO A 47 -16.36 26.15 1.65
N GLN A 49 -18.23 28.70 2.73
CA GLN A 49 -18.15 29.66 3.82
C GLN A 49 -16.73 29.81 4.36
N ARG A 50 -16.02 28.70 4.58
CA ARG A 50 -14.61 28.79 4.93
C ARG A 50 -13.80 29.62 3.95
N LYS A 51 -13.96 29.35 2.65
CA LYS A 51 -13.15 30.04 1.63
C LYS A 51 -13.53 31.53 1.53
N LEU A 52 -14.79 31.86 1.81
CA LEU A 52 -15.22 33.27 1.81
C LEU A 52 -14.61 34.02 2.98
N VAL A 53 -14.63 33.40 4.15
CA VAL A 53 -14.05 34.00 5.35
C VAL A 53 -12.55 34.27 5.13
N THR A 54 -11.88 33.30 4.54
CA THR A 54 -10.47 33.45 4.19
C THR A 54 -10.19 34.67 3.29
N LEU A 55 -11.01 34.85 2.25
CA LEU A 55 -10.89 36.00 1.35
C LEU A 55 -11.20 37.31 2.09
N VAL A 56 -12.30 37.32 2.84
CA VAL A 56 -12.69 38.50 3.59
C VAL A 56 -11.59 38.98 4.55
N HIS A 57 -10.83 38.04 5.10
CA HIS A 57 -9.78 38.33 6.08
CA HIS A 57 -9.82 38.38 6.08
C HIS A 57 -8.53 38.97 5.47
N CYS A 58 -8.38 38.85 4.15
CA CYS A 58 -7.17 39.37 3.45
C CYS A 58 -7.01 40.90 3.55
N GLN A 59 -5.84 41.33 4.05
CA GLN A 59 -5.50 42.76 4.13
C GLN A 59 -5.05 43.31 2.78
N LEU A 60 -5.96 43.95 2.04
CA LEU A 60 -5.61 44.36 0.68
C LEU A 60 -4.67 45.59 0.64
N VAL A 61 -4.46 46.23 1.79
CA VAL A 61 -3.49 47.34 1.90
C VAL A 61 -2.03 46.89 2.06
N GLU A 62 -1.80 45.57 2.09
CA GLU A 62 -0.45 44.99 2.23
C GLU A 62 -0.19 44.01 1.10
N GLU A 63 1.05 43.96 0.60
CA GLU A 63 1.37 43.11 -0.54
C GLU A 63 1.05 41.66 -0.23
N GLU A 64 1.44 41.22 0.97
CA GLU A 64 1.18 39.85 1.38
C GLU A 64 -0.31 39.53 1.43
N GLY A 65 -1.12 40.50 1.85
CA GLY A 65 -2.56 40.35 1.87
C GLY A 65 -3.15 40.25 0.48
N ARG A 66 -2.57 40.98 -0.47
CA ARG A 66 -3.02 40.93 -1.85
C ARG A 66 -2.69 39.60 -2.54
N ILE A 67 -1.53 39.05 -2.22
CA ILE A 67 -1.14 37.72 -2.70
C ILE A 67 -2.07 36.63 -2.15
N ARG A 68 -2.39 36.74 -0.86
CA ARG A 68 -3.33 35.81 -0.24
C ARG A 68 -4.74 35.93 -0.81
N ALA A 69 -5.15 37.14 -1.18
CA ALA A 69 -6.48 37.35 -1.70
C ALA A 69 -6.63 36.67 -3.06
N ARG A 71 -4.94 33.97 -4.14
CA ARG A 71 -5.03 32.54 -3.86
C ARG A 71 -6.43 32.19 -3.35
N ALA A 72 -6.97 33.05 -2.49
CA ALA A 72 -8.30 32.80 -1.93
C ALA A 72 -9.39 32.95 -2.98
N ALA A 73 -9.24 33.92 -3.88
CA ALA A 73 -10.17 34.09 -4.99
C ALA A 73 -10.18 32.85 -5.87
N ARG A 74 -8.98 32.35 -6.17
CA ARG A 74 -8.90 31.13 -7.00
C ARG A 74 -9.57 29.94 -6.31
N SER A 75 -9.29 29.75 -5.02
CA SER A 75 -9.83 28.64 -4.27
C SER A 75 -11.37 28.71 -4.21
N LEU A 76 -11.90 29.92 -4.01
CA LEU A 76 -13.33 30.15 -3.97
CA LEU A 76 -13.33 30.15 -3.96
C LEU A 76 -13.99 29.85 -5.30
N GLY A 77 -13.38 30.32 -6.38
CA GLY A 77 -13.91 30.07 -7.71
C GLY A 77 -13.92 28.59 -8.06
N GLU A 78 -12.89 27.85 -7.64
CA GLU A 78 -12.82 26.43 -7.99
C GLU A 78 -13.91 25.63 -7.27
N ARG A 79 -14.13 25.94 -6.00
CA ARG A 79 -15.21 25.35 -5.22
C ARG A 79 -16.59 25.72 -5.78
N THR A 80 -16.71 26.96 -6.25
CA THR A 80 -17.95 27.42 -6.89
C THR A 80 -18.34 26.56 -8.08
N VAL A 81 -17.39 26.18 -8.93
CA VAL A 81 -17.76 25.34 -10.09
C VAL A 81 -18.36 24.01 -9.58
N THR A 82 -17.71 23.44 -8.58
CA THR A 82 -18.17 22.18 -8.00
C THR A 82 -19.59 22.33 -7.44
N GLU A 83 -19.84 23.43 -6.74
CA GLU A 83 -21.17 23.66 -6.15
C GLU A 83 -22.22 23.84 -7.21
N LEU A 84 -21.89 24.56 -8.28
CA LEU A 84 -22.79 24.71 -9.44
C LEU A 84 -23.15 23.36 -10.07
N ILE A 85 -22.13 22.56 -10.36
CA ILE A 85 -22.36 21.20 -10.89
C ILE A 85 -23.25 20.40 -9.94
N LEU A 86 -22.92 20.39 -8.64
CA LEU A 86 -23.70 19.64 -7.66
C LEU A 86 -25.16 20.07 -7.52
N GLN A 87 -25.43 21.37 -7.60
CA GLN A 87 -26.81 21.83 -7.46
C GLN A 87 -27.64 21.48 -8.69
N HIS A 88 -27.01 21.59 -9.85
CA HIS A 88 -27.64 21.26 -11.12
C HIS A 88 -27.87 19.74 -11.28
N GLN A 89 -26.99 18.95 -10.69
CA GLN A 89 -26.98 17.49 -10.86
C GLN A 89 -28.23 16.76 -10.34
N ASN A 90 -28.78 15.91 -11.19
CA ASN A 90 -29.97 15.14 -10.81
C ASN A 90 -29.55 13.80 -10.25
N PRO A 91 -29.72 13.62 -8.93
CA PRO A 91 -29.26 12.42 -8.24
C PRO A 91 -29.96 11.16 -8.77
N GLN A 92 -31.17 11.29 -9.30
CA GLN A 92 -31.88 10.10 -9.76
C GLN A 92 -31.37 9.61 -11.10
N GLN A 93 -30.72 10.50 -11.85
CA GLN A 93 -30.19 10.11 -13.15
C GLN A 93 -28.68 9.88 -13.12
N LEU A 94 -28.08 10.05 -11.95
CA LEU A 94 -26.61 10.00 -11.84
C LEU A 94 -26.00 8.67 -12.31
N SER A 95 -26.43 7.56 -11.76
CA SER A 95 -25.88 6.29 -12.23
C SER A 95 -26.14 6.02 -13.72
N SER A 96 -27.30 6.42 -14.25
CA SER A 96 -27.57 6.26 -15.68
C SER A 96 -26.68 7.12 -16.56
N ASN A 97 -26.40 8.35 -16.13
CA ASN A 97 -25.53 9.22 -16.89
C ASN A 97 -24.10 8.71 -16.84
N LEU A 98 -23.74 8.13 -15.71
CA LEU A 98 -22.37 7.60 -15.56
C LEU A 98 -22.13 6.41 -16.52
N TRP A 99 -23.00 5.42 -16.46
CA TRP A 99 -22.80 4.23 -17.31
C TRP A 99 -23.00 4.53 -18.77
N ALA A 100 -23.90 5.46 -19.08
CA ALA A 100 -24.02 5.90 -20.47
C ALA A 100 -22.74 6.54 -21.00
N ALA A 101 -22.07 7.34 -20.18
CA ALA A 101 -20.80 7.93 -20.58
C ALA A 101 -19.72 6.88 -20.78
N VAL A 102 -19.68 5.88 -19.91
CA VAL A 102 -18.73 4.78 -20.05
C VAL A 102 -18.99 3.98 -21.35
N ARG A 103 -20.23 3.56 -21.53
CA ARG A 103 -20.60 2.75 -22.70
C ARG A 103 -20.44 3.50 -24.01
N ALA A 104 -20.67 4.81 -24.00
CA ALA A 104 -20.47 5.61 -25.23
C ALA A 104 -19.04 5.62 -25.73
N ARG A 105 -18.09 5.29 -24.85
CA ARG A 105 -16.70 5.16 -25.26
C ARG A 105 -16.30 3.70 -25.57
N GLY A 106 -17.27 2.83 -25.72
CA GLY A 106 -17.01 1.45 -26.05
C GLY A 106 -16.41 0.70 -24.86
N CYS A 107 -16.59 1.24 -23.66
CA CYS A 107 -16.10 0.61 -22.43
C CYS A 107 -17.30 0.08 -21.64
N GLN A 108 -17.07 -0.70 -20.59
CA GLN A 108 -18.19 -1.19 -19.80
C GLN A 108 -17.71 -1.57 -18.42
N PHE A 109 -18.56 -1.36 -17.44
CA PHE A 109 -18.33 -1.84 -16.08
C PHE A 109 -19.43 -2.86 -15.84
N LEU A 110 -19.03 -4.12 -15.68
CA LEU A 110 -20.00 -5.20 -15.66
C LEU A 110 -20.73 -5.31 -14.33
N GLY A 111 -20.23 -4.64 -13.30
CA GLY A 111 -20.78 -4.76 -11.94
C GLY A 111 -19.62 -5.11 -11.01
N PRO A 112 -19.75 -4.83 -9.69
CA PRO A 112 -18.58 -5.00 -8.81
C PRO A 112 -17.97 -6.41 -8.80
N ALA A 113 -18.79 -7.45 -8.66
CA ALA A 113 -18.22 -8.80 -8.58
C ALA A 113 -17.72 -9.25 -9.97
N GLN A 115 -16.81 -7.40 -12.56
CA GLN A 115 -15.66 -6.61 -13.03
C GLN A 115 -14.38 -7.06 -12.29
N GLU A 116 -14.49 -7.33 -11.00
CA GLU A 116 -13.32 -7.75 -10.25
C GLU A 116 -12.80 -9.05 -10.85
N GLU A 117 -13.71 -9.97 -11.10
CA GLU A 117 -13.32 -11.24 -11.68
C GLU A 117 -12.73 -11.12 -13.09
N ALA A 118 -13.34 -10.29 -13.92
CA ALA A 118 -12.81 -10.06 -15.27
C ALA A 118 -11.37 -9.56 -15.17
N LEU A 119 -11.12 -8.60 -14.29
CA LEU A 119 -9.78 -8.05 -14.17
C LEU A 119 -8.78 -9.09 -13.63
N LYS A 120 -9.18 -9.90 -12.65
CA LYS A 120 -8.28 -10.92 -12.13
C LYS A 120 -7.96 -11.99 -13.19
N LEU A 121 -8.87 -12.19 -14.12
CA LEU A 121 -8.64 -13.14 -15.20
C LEU A 121 -7.71 -12.57 -16.24
N VAL A 122 -7.85 -11.27 -16.50
CA VAL A 122 -6.90 -10.60 -17.39
C VAL A 122 -5.50 -10.74 -16.82
N LEU A 123 -5.36 -10.58 -15.50
CA LEU A 123 -4.08 -10.74 -14.85
C LEU A 123 -3.57 -12.19 -14.91
N LEU A 124 -4.46 -13.16 -14.73
CA LEU A 124 -4.05 -14.55 -14.84
CA LEU A 124 -4.07 -14.56 -14.86
C LEU A 124 -3.40 -14.81 -16.22
N ALA A 125 -3.95 -14.21 -17.27
CA ALA A 125 -3.40 -14.32 -18.63
C ALA A 125 -2.11 -13.53 -18.86
N LEU A 126 -2.03 -12.35 -18.25
CA LEU A 126 -1.03 -11.35 -18.65
C LEU A 126 0.01 -10.93 -17.60
N GLU A 127 -0.15 -11.34 -16.35
CA GLU A 127 0.74 -10.84 -15.28
C GLU A 127 2.19 -11.33 -15.43
N ASP A 128 2.40 -12.37 -16.23
CA ASP A 128 3.75 -12.86 -16.50
C ASP A 128 4.46 -12.14 -17.67
N GLY A 129 3.83 -11.12 -18.25
CA GLY A 129 4.43 -10.38 -19.35
C GLY A 129 4.06 -10.88 -20.74
N SER A 130 3.23 -11.91 -20.82
CA SER A 130 2.78 -12.44 -22.10
C SER A 130 2.15 -11.35 -22.96
N ALA A 131 2.37 -11.43 -24.26
CA ALA A 131 1.70 -10.52 -25.17
C ALA A 131 0.72 -11.32 -26.00
N LEU A 132 -0.58 -11.02 -25.84
CA LEU A 132 -1.62 -11.81 -26.45
C LEU A 132 -2.47 -10.96 -27.36
N SER A 133 -2.98 -11.54 -28.43
CA SER A 133 -3.92 -10.80 -29.25
C SER A 133 -5.17 -10.50 -28.42
N ARG A 134 -5.90 -9.48 -28.83
CA ARG A 134 -7.11 -9.10 -28.15
C ARG A 134 -8.14 -10.23 -28.17
N LYS A 135 -8.36 -10.83 -29.34
CA LYS A 135 -9.31 -11.93 -29.44
C LYS A 135 -8.99 -13.09 -28.48
N VAL A 136 -7.70 -13.39 -28.35
CA VAL A 136 -7.22 -14.50 -27.52
C VAL A 136 -7.39 -14.17 -26.03
N LEU A 137 -7.06 -12.94 -25.66
CA LEU A 137 -7.24 -12.50 -24.28
C LEU A 137 -8.72 -12.52 -23.89
N VAL A 138 -9.57 -11.97 -24.75
CA VAL A 138 -11.01 -11.94 -24.50
C VAL A 138 -11.57 -13.37 -24.38
N LEU A 139 -11.14 -14.25 -25.29
CA LEU A 139 -11.59 -15.65 -25.24
C LEU A 139 -11.21 -16.32 -23.91
N PHE A 140 -9.95 -16.12 -23.49
CA PHE A 140 -9.45 -16.66 -22.23
C PHE A 140 -10.35 -16.22 -21.07
N VAL A 141 -10.67 -14.93 -21.06
CA VAL A 141 -11.48 -14.39 -19.98
C VAL A 141 -12.91 -14.92 -20.07
N VAL A 142 -13.53 -14.83 -21.25
CA VAL A 142 -14.89 -15.33 -21.40
C VAL A 142 -15.07 -16.82 -20.99
N GLN A 143 -14.11 -17.67 -21.33
CA GLN A 143 -14.30 -19.11 -21.07
C GLN A 143 -14.34 -19.43 -19.57
N ARG A 144 -13.70 -18.57 -18.80
CA ARG A 144 -13.64 -18.75 -17.36
C ARG A 144 -14.69 -17.97 -16.66
N LEU A 145 -15.03 -16.79 -17.20
CA LEU A 145 -15.96 -15.89 -16.55
C LEU A 145 -17.44 -16.24 -16.84
N GLU A 146 -17.75 -16.53 -18.11
CA GLU A 146 -19.14 -16.68 -18.50
C GLU A 146 -19.91 -17.83 -17.79
N PRO A 147 -19.25 -18.96 -17.51
CA PRO A 147 -20.02 -19.95 -16.74
C PRO A 147 -20.39 -19.48 -15.32
N ARG A 148 -19.53 -18.66 -14.72
CA ARG A 148 -19.75 -18.15 -13.37
C ARG A 148 -20.74 -17.01 -13.34
N PHE A 149 -20.80 -16.24 -14.45
CA PHE A 149 -21.62 -15.02 -14.55
C PHE A 149 -22.29 -15.06 -15.94
N PRO A 150 -23.43 -15.77 -16.06
CA PRO A 150 -24.00 -15.99 -17.40
C PRO A 150 -24.37 -14.69 -18.12
N GLN A 151 -24.60 -13.61 -17.37
CA GLN A 151 -24.86 -12.29 -17.98
C GLN A 151 -23.68 -11.81 -18.81
N ALA A 152 -22.47 -12.27 -18.50
CA ALA A 152 -21.28 -11.88 -19.25
C ALA A 152 -21.36 -12.42 -20.66
N SER A 153 -20.69 -11.74 -21.60
CA SER A 153 -20.57 -12.21 -22.98
C SER A 153 -19.24 -11.81 -23.60
N LYS A 154 -18.91 -12.39 -24.76
CA LYS A 154 -17.73 -11.95 -25.49
C LYS A 154 -17.72 -10.44 -25.80
N THR A 155 -18.88 -9.92 -26.16
CA THR A 155 -18.98 -8.49 -26.44
C THR A 155 -18.66 -7.65 -25.20
N SER A 156 -19.31 -7.94 -24.08
CA SER A 156 -19.09 -7.14 -22.87
C SER A 156 -17.66 -7.26 -22.28
N ILE A 157 -17.04 -8.44 -22.33
CA ILE A 157 -15.64 -8.59 -21.95
C ILE A 157 -14.71 -7.80 -22.84
N GLY A 158 -14.99 -7.78 -24.14
CA GLY A 158 -14.25 -6.92 -25.02
C GLY A 158 -14.30 -5.47 -24.56
N HIS A 159 -15.45 -5.02 -24.04
CA HIS A 159 -15.58 -3.64 -23.55
C HIS A 159 -14.75 -3.40 -22.27
N VAL A 160 -14.60 -4.43 -21.43
CA VAL A 160 -13.78 -4.28 -20.22
C VAL A 160 -12.32 -4.15 -20.66
N VAL A 161 -11.95 -4.94 -21.66
CA VAL A 161 -10.60 -4.87 -22.17
C VAL A 161 -10.37 -3.48 -22.79
N GLN A 162 -11.36 -2.96 -23.52
CA GLN A 162 -11.22 -1.59 -24.09
C GLN A 162 -11.04 -0.51 -23.02
N LEU A 163 -11.68 -0.70 -21.86
CA LEU A 163 -11.53 0.22 -20.76
C LEU A 163 -10.11 0.19 -20.24
N LEU A 164 -9.51 -0.99 -20.08
CA LEU A 164 -8.10 -1.05 -19.66
C LEU A 164 -7.21 -0.42 -20.75
N TYR A 165 -7.56 -0.63 -22.00
CA TYR A 165 -6.82 -0.03 -23.12
C TYR A 165 -6.88 1.50 -23.06
N ARG A 166 -8.09 2.02 -22.93
CA ARG A 166 -8.28 3.48 -22.87
C ARG A 166 -7.63 4.02 -21.60
N ALA A 167 -7.50 3.19 -20.57
CA ALA A 167 -6.80 3.56 -19.35
C ALA A 167 -5.27 3.53 -19.47
N SER A 168 -4.77 3.18 -20.65
CA SER A 168 -3.33 3.11 -20.92
CA SER A 168 -3.33 3.10 -20.93
C SER A 168 -2.59 2.05 -20.08
N CYS A 169 -3.27 0.93 -19.82
CA CYS A 169 -2.65 -0.17 -19.06
C CYS A 169 -1.75 -1.08 -19.91
N PHE A 170 -1.94 -1.04 -21.24
CA PHE A 170 -1.19 -1.94 -22.10
C PHE A 170 -0.03 -1.29 -22.82
N LYS A 171 0.95 -2.14 -23.13
CA LYS A 171 2.05 -1.94 -24.10
C LYS A 171 3.34 -1.43 -23.48
N SER A 180 -2.67 -4.91 -32.20
CA SER A 180 -2.93 -6.35 -32.33
C SER A 180 -2.62 -7.09 -31.03
N LEU A 181 -1.37 -7.01 -30.55
CA LEU A 181 -0.96 -7.66 -29.31
C LEU A 181 -1.13 -6.81 -28.05
N GLN A 183 -0.08 -6.39 -24.11
CA GLN A 183 0.80 -6.75 -23.03
C GLN A 183 0.58 -5.75 -21.92
N LEU A 184 0.43 -6.21 -20.69
CA LEU A 184 0.30 -5.26 -19.57
C LEU A 184 1.62 -4.54 -19.35
N LYS A 185 1.59 -3.20 -19.20
CA LYS A 185 2.77 -2.50 -18.69
C LYS A 185 3.24 -3.13 -17.40
N GLU A 186 4.54 -3.06 -17.14
CA GLU A 186 5.10 -3.72 -15.96
C GLU A 186 4.48 -3.21 -14.68
N GLU A 187 4.19 -1.91 -14.65
CA GLU A 187 3.61 -1.28 -13.47
C GLU A 187 2.19 -1.75 -13.14
N PHE A 188 1.50 -2.38 -14.10
CA PHE A 188 0.10 -2.79 -13.88
C PHE A 188 -0.08 -4.32 -13.85
N ARG A 189 1.00 -5.04 -13.52
CA ARG A 189 0.95 -6.51 -13.48
C ARG A 189 0.60 -7.08 -12.11
N THR A 190 -0.06 -6.28 -11.28
CA THR A 190 -0.63 -6.69 -10.02
C THR A 190 -2.06 -6.16 -9.98
N TYR A 191 -2.92 -6.88 -9.27
CA TYR A 191 -4.33 -6.48 -9.17
C TYR A 191 -4.50 -5.07 -8.56
N GLU A 192 -3.81 -4.77 -7.46
CA GLU A 192 -4.01 -3.47 -6.83
C GLU A 192 -3.72 -2.32 -7.79
N ALA A 193 -2.61 -2.44 -8.50
CA ALA A 193 -2.20 -1.43 -9.48
C ALA A 193 -3.13 -1.33 -10.68
N LEU A 194 -3.48 -2.48 -11.25
CA LEU A 194 -4.41 -2.53 -12.38
C LEU A 194 -5.77 -1.96 -11.99
N ARG A 195 -6.29 -2.40 -10.85
CA ARG A 195 -7.65 -1.96 -10.43
C ARG A 195 -7.67 -0.46 -10.17
N ARG A 196 -6.58 0.04 -9.60
CA ARG A 196 -6.51 1.49 -9.33
C ARG A 196 -6.61 2.29 -10.63
N GLU A 197 -5.90 1.83 -11.64
CA GLU A 197 -5.81 2.56 -12.90
C GLU A 197 -7.18 2.48 -13.61
N HIS A 198 -7.81 1.30 -13.50
CA HIS A 198 -9.14 1.08 -14.03
C HIS A 198 -10.14 2.04 -13.35
N ASP A 199 -10.10 2.09 -12.04
CA ASP A 199 -11.04 2.93 -11.28
C ASP A 199 -10.84 4.41 -11.63
N SER A 200 -9.59 4.80 -11.74
CA SER A 200 -9.25 6.17 -12.08
C SER A 200 -9.76 6.54 -13.46
N GLN A 201 -9.71 5.61 -14.41
CA GLN A 201 -10.23 5.88 -15.74
C GLN A 201 -11.75 6.12 -15.72
N ILE A 202 -12.48 5.34 -14.94
CA ILE A 202 -13.92 5.58 -14.82
C ILE A 202 -14.22 6.94 -14.19
N VAL A 203 -13.48 7.29 -13.15
CA VAL A 203 -13.65 8.60 -12.53
C VAL A 203 -13.42 9.72 -13.55
N GLN A 204 -12.39 9.58 -14.39
CA GLN A 204 -12.10 10.57 -15.43
C GLN A 204 -13.20 10.66 -16.48
N ILE A 205 -13.74 9.52 -16.86
CA ILE A 205 -14.90 9.51 -17.77
C ILE A 205 -16.07 10.28 -17.13
N ALA A 206 -16.34 10.01 -15.85
CA ALA A 206 -17.45 10.65 -15.16
C ALA A 206 -17.23 12.19 -15.13
N GLU A 208 -15.39 14.07 -17.15
CA GLU A 208 -15.54 14.61 -18.49
C GLU A 208 -17.01 14.66 -18.96
N ALA A 209 -17.85 13.81 -18.39
CA ALA A 209 -19.31 13.87 -18.60
C ALA A 209 -19.98 14.93 -17.70
N GLY A 210 -19.20 15.71 -16.99
CA GLY A 210 -19.77 16.73 -16.13
C GLY A 210 -20.43 16.21 -14.86
N LEU A 211 -20.01 15.04 -14.40
CA LEU A 211 -20.57 14.48 -13.17
C LEU A 211 -19.64 14.67 -12.00
N ARG A 212 -20.22 14.88 -10.82
CA ARG A 212 -19.46 15.00 -9.59
C ARG A 212 -20.03 14.02 -8.55
N ILE A 213 -19.22 12.99 -8.29
CA ILE A 213 -19.62 11.86 -7.45
C ILE A 213 -18.68 11.76 -6.25
N ALA A 214 -19.26 11.67 -5.05
CA ALA A 214 -18.44 11.64 -3.83
C ALA A 214 -17.86 10.23 -3.57
N PRO A 215 -16.73 10.16 -2.83
CA PRO A 215 -16.10 8.87 -2.51
C PRO A 215 -17.06 7.82 -1.98
N ASP A 216 -18.04 8.17 -1.13
CA ASP A 216 -18.99 7.18 -0.63
C ASP A 216 -19.83 6.57 -1.76
N GLN A 217 -20.38 7.41 -2.62
CA GLN A 217 -21.13 6.89 -3.76
C GLN A 217 -20.24 6.13 -4.77
N TRP A 218 -19.00 6.57 -4.96
CA TRP A 218 -18.08 5.84 -5.84
C TRP A 218 -17.85 4.42 -5.30
N SER A 219 -17.67 4.33 -3.98
CA SER A 219 -17.47 3.03 -3.36
C SER A 219 -18.69 2.12 -3.60
N SER A 220 -19.90 2.67 -3.49
CA SER A 220 -21.10 1.90 -3.82
CA SER A 220 -21.11 1.90 -3.82
C SER A 220 -21.17 1.46 -5.28
N LEU A 221 -20.93 2.40 -6.19
CA LEU A 221 -20.98 2.10 -7.62
C LEU A 221 -19.97 1.08 -8.07
N LEU A 222 -18.72 1.23 -7.63
CA LEU A 222 -17.63 0.38 -8.14
C LEU A 222 -17.36 -0.89 -7.31
N TYR A 223 -17.81 -0.92 -6.07
CA TYR A 223 -17.48 -2.00 -5.15
C TYR A 223 -18.72 -2.58 -4.48
N GLY A 224 -19.82 -1.85 -4.49
CA GLY A 224 -21.06 -2.35 -3.91
C GLY A 224 -21.04 -2.37 -2.39
N ASP A 225 -20.14 -1.60 -1.78
CA ASP A 225 -20.05 -1.49 -0.31
C ASP A 225 -19.48 -0.12 0.06
N GLN A 226 -19.22 0.08 1.35
CA GLN A 226 -18.73 1.37 1.80
C GLN A 226 -17.29 1.30 2.29
N SER A 227 -16.60 0.25 1.91
CA SER A 227 -15.30 -0.02 2.50
C SER A 227 -14.18 0.36 1.55
N HIS A 228 -14.53 1.03 0.46
CA HIS A 228 -13.53 1.50 -0.48
C HIS A 228 -13.60 3.03 -0.64
N LYS A 229 -14.17 3.73 0.35
CA LYS A 229 -14.22 5.18 0.30
C LYS A 229 -12.84 5.86 0.25
N SER A 230 -11.93 5.43 1.11
CA SER A 230 -10.64 6.10 1.17
C SER A 230 -9.87 5.84 -0.12
N HIS A 231 -10.04 4.64 -0.67
CA HIS A 231 -9.44 4.28 -1.95
C HIS A 231 -9.95 5.23 -3.05
N GLN A 233 -11.40 8.25 -2.65
CA GLN A 233 -10.88 9.57 -2.29
C GLN A 233 -9.43 9.80 -2.78
N SER A 234 -8.58 8.80 -2.54
CA SER A 234 -7.20 8.77 -3.06
C SER A 234 -7.13 8.98 -4.58
N ILE A 235 -7.92 8.20 -5.30
CA ILE A 235 -7.98 8.32 -6.75
C ILE A 235 -8.39 9.72 -7.23
N ILE A 236 -9.44 10.25 -6.62
CA ILE A 236 -9.93 11.57 -6.98
C ILE A 236 -8.83 12.61 -6.75
N ASP A 237 -8.20 12.56 -5.59
CA ASP A 237 -7.14 13.53 -5.23
C ASP A 237 -5.90 13.46 -6.13
N LYS A 238 -5.55 12.28 -6.61
CA LYS A 238 -4.42 12.17 -7.53
C LYS A 238 -4.72 12.69 -8.91
N LEU A 239 -5.99 12.95 -9.19
CA LEU A 239 -6.38 13.54 -10.47
C LEU A 239 -6.37 15.07 -10.39
N GLN A 240 -6.32 15.60 -9.18
CA GLN A 240 -6.36 17.06 -8.96
C GLN A 240 -5.02 17.70 -9.35
N THR A 241 -5.07 18.64 -10.30
CA THR A 241 -3.88 19.36 -10.76
C THR A 241 -4.19 20.85 -10.90
N PRO A 242 -3.18 21.67 -11.19
CA PRO A 242 -3.47 23.09 -11.48
C PRO A 242 -4.43 23.29 -12.66
N ALA A 243 -4.45 22.38 -13.62
CA ALA A 243 -5.38 22.44 -14.75
C ALA A 243 -6.82 22.01 -14.41
N SER A 244 -7.00 21.46 -13.21
CA SER A 244 -8.31 20.92 -12.82
C SER A 244 -9.44 21.95 -12.85
N PHE A 245 -9.15 23.15 -12.33
CA PHE A 245 -10.17 24.22 -12.27
C PHE A 245 -10.65 24.57 -13.69
N ALA A 246 -9.72 24.84 -14.62
CA ALA A 246 -10.12 25.20 -15.99
C ALA A 246 -10.92 24.07 -16.66
N GLN A 247 -10.47 22.82 -16.50
CA GLN A 247 -11.22 21.74 -17.11
C GLN A 247 -12.60 21.60 -16.47
N SER A 248 -12.70 21.80 -15.15
CA SER A 248 -14.00 21.69 -14.50
C SER A 248 -15.00 22.72 -15.06
N VAL A 249 -14.53 23.89 -15.48
CA VAL A 249 -15.43 24.85 -16.14
C VAL A 249 -16.02 24.26 -17.41
N GLN A 250 -15.23 23.46 -18.14
CA GLN A 250 -15.71 22.94 -19.41
C GLN A 250 -16.69 21.80 -19.12
N GLU A 251 -16.43 21.09 -18.03
CA GLU A 251 -17.31 20.02 -17.62
C GLU A 251 -18.67 20.50 -17.11
N LEU A 252 -18.71 21.66 -16.45
CA LEU A 252 -20.00 22.25 -16.07
C LEU A 252 -20.84 22.53 -17.31
N THR A 253 -20.18 22.99 -18.37
CA THR A 253 -20.83 23.22 -19.64
C THR A 253 -21.55 21.99 -20.15
N ILE A 254 -20.88 20.84 -20.08
CA ILE A 254 -21.51 19.56 -20.44
C ILE A 254 -22.71 19.23 -19.59
N ALA A 255 -22.55 19.44 -18.29
CA ALA A 255 -23.65 19.14 -17.40
C ALA A 255 -24.86 20.01 -17.76
N LEU A 256 -24.62 21.30 -18.01
CA LEU A 256 -25.73 22.21 -18.34
C LEU A 256 -26.43 21.90 -19.66
N GLN A 257 -25.71 21.30 -20.60
CA GLN A 257 -26.26 21.11 -21.94
C GLN A 257 -27.11 19.86 -21.93
N ARG A 258 -27.05 19.15 -20.81
CA ARG A 258 -27.78 17.92 -20.61
C ARG A 258 -29.23 18.30 -20.35
N THR A 259 -29.45 19.56 -19.98
CA THR A 259 -30.79 20.06 -19.66
C THR A 259 -31.13 21.47 -20.18
N GLY A 260 -30.21 22.08 -20.94
CA GLY A 260 -30.50 23.34 -21.61
C GLY A 260 -30.14 24.67 -20.94
N ASP A 261 -29.74 24.63 -19.67
CA ASP A 261 -29.27 25.84 -18.96
C ASP A 261 -30.23 27.03 -18.96
N PRO A 262 -31.41 26.87 -18.34
CA PRO A 262 -32.37 27.99 -18.27
C PRO A 262 -31.86 29.17 -17.43
N ALA A 263 -31.00 28.91 -16.45
CA ALA A 263 -30.50 30.01 -15.62
C ALA A 263 -29.35 30.76 -16.26
N ASN A 264 -28.95 30.33 -17.47
CA ASN A 264 -27.80 30.91 -18.13
C ASN A 264 -26.56 30.96 -17.23
N LEU A 265 -26.25 29.84 -16.58
CA LEU A 265 -25.00 29.72 -15.81
C LEU A 265 -23.77 29.84 -16.69
N ASN A 266 -23.94 29.53 -17.97
CA ASN A 266 -22.85 29.66 -18.93
C ASN A 266 -22.30 31.09 -19.03
N ARG A 267 -23.08 32.07 -18.62
CA ARG A 267 -22.58 33.44 -18.58
C ARG A 267 -21.38 33.60 -17.65
N LEU A 268 -21.25 32.71 -16.67
CA LEU A 268 -20.19 32.82 -15.67
C LEU A 268 -18.82 32.38 -16.23
N ARG A 269 -18.83 31.75 -17.40
CA ARG A 269 -17.63 31.13 -17.98
C ARG A 269 -16.37 32.00 -18.01
N PRO A 270 -16.44 33.22 -18.59
CA PRO A 270 -15.26 34.08 -18.65
C PRO A 270 -14.72 34.44 -17.25
N HIS A 271 -15.62 34.63 -16.30
CA HIS A 271 -15.18 34.97 -14.95
C HIS A 271 -14.50 33.79 -14.31
N LEU A 272 -15.11 32.62 -14.45
CA LEU A 272 -14.49 31.41 -13.94
C LEU A 272 -13.15 31.11 -14.60
N GLU A 273 -13.05 31.36 -15.90
CA GLU A 273 -11.83 31.07 -16.62
C GLU A 273 -10.71 32.03 -16.21
N LEU A 274 -11.08 33.27 -15.92
CA LEU A 274 -10.11 34.23 -15.38
C LEU A 274 -9.58 33.73 -14.05
N LEU A 275 -10.47 33.27 -13.17
CA LEU A 275 -10.04 32.80 -11.86
C LEU A 275 -9.13 31.60 -11.98
N ALA A 276 -9.46 30.69 -12.91
CA ALA A 276 -8.68 29.47 -13.09
C ALA A 276 -7.26 29.80 -13.58
N ASN A 277 -7.13 30.93 -14.24
CA ASN A 277 -5.84 31.33 -14.78
C ASN A 277 -4.93 31.94 -13.70
N ILE A 278 -5.48 32.17 -12.51
CA ILE A 278 -4.68 32.70 -11.40
C ILE A 278 -3.61 31.70 -11.01
N ASP A 279 -2.38 32.19 -10.85
CA ASP A 279 -1.29 31.33 -10.46
C ASP A 279 -1.30 31.22 -8.94
N PRO A 280 -1.54 30.01 -8.44
CA PRO A 280 -1.72 29.75 -7.01
C PRO A 280 -0.41 29.46 -6.25
N SER A 281 0.68 29.19 -6.97
CA SER A 281 1.98 28.90 -6.35
C SER A 281 2.49 30.07 -5.52
N PRO A 282 3.33 29.78 -4.51
CA PRO A 282 3.91 30.84 -3.67
C PRO A 282 5.01 31.63 -4.40
N ASP A 283 5.59 31.03 -5.43
CA ASP A 283 6.61 31.71 -6.22
C ASP A 283 5.99 32.64 -7.26
N ALA A 284 4.67 32.79 -7.20
CA ALA A 284 3.95 33.69 -8.09
C ALA A 284 4.21 35.14 -7.71
N PRO A 285 4.47 35.99 -8.70
CA PRO A 285 4.63 37.42 -8.45
C PRO A 285 3.33 38.00 -7.90
N PRO A 286 3.43 38.99 -6.99
CA PRO A 286 2.22 39.62 -6.45
C PRO A 286 1.38 40.16 -7.59
N PRO A 287 0.06 40.23 -7.40
CA PRO A 287 -0.79 40.73 -8.47
C PRO A 287 -0.59 42.23 -8.65
N THR A 288 -0.76 42.73 -9.86
CA THR A 288 -0.92 44.16 -10.03
C THR A 288 -2.26 44.56 -9.44
N TRP A 289 -2.48 45.86 -9.30
CA TRP A 289 -3.73 46.39 -8.81
C TRP A 289 -4.87 46.07 -9.77
N GLU A 290 -4.57 46.13 -11.06
CA GLU A 290 -5.53 45.74 -12.06
C GLU A 290 -5.92 44.25 -11.93
N GLN A 291 -4.95 43.40 -11.66
CA GLN A 291 -5.24 41.97 -11.58
C GLN A 291 -6.06 41.70 -10.33
N LEU A 292 -5.75 42.42 -9.25
CA LEU A 292 -6.48 42.32 -8.00
C LEU A 292 -7.94 42.69 -8.16
N GLU A 293 -8.22 43.80 -8.83
CA GLU A 293 -9.60 44.23 -9.08
C GLU A 293 -10.34 43.22 -9.94
N ASN A 294 -9.74 42.85 -11.07
CA ASN A 294 -10.37 41.92 -12.00
C ASN A 294 -10.69 40.58 -11.35
N GLY A 295 -9.78 40.12 -10.51
CA GLY A 295 -9.92 38.83 -9.85
C GLY A 295 -11.06 38.86 -8.84
N LEU A 296 -11.14 39.95 -8.09
CA LEU A 296 -12.18 40.09 -7.08
C LEU A 296 -13.56 40.38 -7.67
N VAL A 297 -13.63 41.13 -8.78
CA VAL A 297 -14.88 41.27 -9.50
C VAL A 297 -15.39 39.92 -10.01
N ALA A 298 -14.47 39.12 -10.52
CA ALA A 298 -14.81 37.82 -11.07
C ALA A 298 -15.35 36.94 -9.96
N VAL A 299 -14.69 36.93 -8.80
CA VAL A 299 -15.16 36.02 -7.75
C VAL A 299 -16.47 36.50 -7.12
N ARG A 300 -16.67 37.82 -6.99
CA ARG A 300 -17.97 38.32 -6.59
C ARG A 300 -19.06 37.88 -7.58
N THR A 301 -18.78 37.98 -8.87
CA THR A 301 -19.80 37.65 -9.87
C THR A 301 -20.24 36.17 -9.78
N VAL A 302 -19.27 35.30 -9.53
CA VAL A 302 -19.57 33.85 -9.55
C VAL A 302 -20.22 33.39 -8.27
N VAL A 303 -19.81 33.93 -7.13
CA VAL A 303 -20.48 33.60 -5.87
C VAL A 303 -21.91 34.13 -5.87
N HIS A 304 -22.06 35.36 -6.37
CA HIS A 304 -23.40 35.91 -6.54
C HIS A 304 -24.22 34.96 -7.43
N GLY A 305 -23.60 34.47 -8.50
CA GLY A 305 -24.25 33.54 -9.40
C GLY A 305 -24.70 32.24 -8.74
N LEU A 306 -23.83 31.65 -7.93
CA LEU A 306 -24.13 30.42 -7.22
C LEU A 306 -25.28 30.65 -6.23
N VAL A 307 -25.18 31.72 -5.42
CA VAL A 307 -26.22 31.92 -4.40
C VAL A 307 -27.58 32.09 -5.07
N ASP A 308 -27.61 32.88 -6.14
CA ASP A 308 -28.83 33.15 -6.87
C ASP A 308 -29.39 31.87 -7.50
N TYR A 309 -28.48 31.06 -8.03
CA TYR A 309 -28.90 29.81 -8.65
C TYR A 309 -29.57 28.90 -7.62
N ILE A 310 -28.94 28.73 -6.46
CA ILE A 310 -29.50 27.84 -5.46
C ILE A 310 -30.82 28.40 -4.89
N GLN A 311 -30.87 29.69 -4.62
CA GLN A 311 -32.08 30.25 -4.02
C GLN A 311 -33.29 30.16 -4.95
N ASN A 312 -33.04 30.05 -6.25
CA ASN A 312 -34.13 29.98 -7.24
C ASN A 312 -34.47 28.60 -7.79
N HIS A 313 -33.57 27.63 -7.63
CA HIS A 313 -33.71 26.36 -8.34
C HIS A 313 -33.68 25.16 -7.41
N SER B 3 27.61 -4.14 47.51
CA SER B 3 28.37 -3.03 48.07
C SER B 3 28.95 -2.14 46.97
N GLY B 4 29.53 -1.01 47.37
CA GLY B 4 30.25 -0.17 46.43
C GLY B 4 31.41 -0.96 45.84
N VAL B 5 32.11 -1.69 46.70
CA VAL B 5 33.25 -2.44 46.25
C VAL B 5 32.84 -3.47 45.19
N GLU B 6 31.67 -4.07 45.39
CA GLU B 6 31.16 -5.06 44.45
C GLU B 6 30.79 -4.44 43.10
N ASP B 7 30.32 -3.19 43.13
CA ASP B 7 29.87 -2.51 41.93
C ASP B 7 31.05 -2.19 41.01
N THR B 8 32.15 -1.73 41.62
CA THR B 8 33.34 -1.38 40.85
C THR B 8 33.98 -2.64 40.33
N LYS B 9 33.87 -3.72 41.10
CA LYS B 9 34.33 -5.01 40.62
C LYS B 9 33.57 -5.38 39.35
N HIS B 10 32.27 -5.09 39.34
CA HIS B 10 31.43 -5.42 38.16
C HIS B 10 31.87 -4.59 36.97
N TYR B 11 32.03 -3.28 37.19
CA TYR B 11 32.56 -2.38 36.18
C TYR B 11 33.86 -2.92 35.58
N GLU B 12 34.77 -3.35 36.44
CA GLU B 12 36.08 -3.76 36.00
C GLU B 12 36.03 -5.04 35.17
N GLU B 13 35.15 -5.96 35.56
CA GLU B 13 34.99 -7.19 34.81
C GLU B 13 34.34 -6.90 33.44
N ALA B 14 33.36 -6.02 33.44
CA ALA B 14 32.67 -5.64 32.20
C ALA B 14 33.64 -4.98 31.25
N LYS B 15 34.46 -4.09 31.79
CA LYS B 15 35.52 -3.43 31.04
C LYS B 15 36.50 -4.40 30.38
N LYS B 16 36.96 -5.37 31.15
CA LYS B 16 37.84 -6.40 30.64
C LYS B 16 37.21 -7.17 29.47
N CYS B 17 35.95 -7.52 29.61
CA CYS B 17 35.24 -8.21 28.52
C CYS B 17 35.27 -7.43 27.21
N VAL B 18 35.04 -6.13 27.28
CA VAL B 18 35.04 -5.30 26.10
C VAL B 18 36.46 -5.23 25.51
N GLU B 19 37.47 -5.07 26.37
CA GLU B 19 38.87 -5.13 25.91
C GLU B 19 39.17 -6.41 25.16
N GLU B 20 38.74 -7.54 25.70
CA GLU B 20 38.97 -8.84 25.08
C GLU B 20 38.25 -8.91 23.71
N LEU B 21 37.02 -8.41 23.67
CA LEU B 21 36.26 -8.40 22.42
C LEU B 21 36.93 -7.47 21.39
N ALA B 22 37.48 -6.36 21.86
CA ALA B 22 38.15 -5.43 20.95
C ALA B 22 39.31 -6.05 20.19
N LEU B 23 39.95 -7.07 20.75
CA LEU B 23 41.06 -7.71 20.07
C LEU B 23 40.66 -8.40 18.78
N TYR B 24 39.38 -8.74 18.67
CA TYR B 24 38.89 -9.40 17.46
C TYR B 24 38.74 -8.45 16.29
N LEU B 25 39.03 -7.18 16.50
CA LEU B 25 39.09 -6.21 15.42
C LEU B 25 40.51 -6.10 14.86
N LYS B 26 41.47 -6.74 15.54
CA LYS B 26 42.88 -6.67 15.14
C LYS B 26 43.27 -7.85 14.26
N PRO B 27 44.40 -7.74 13.53
CA PRO B 27 44.82 -8.88 12.70
C PRO B 27 45.68 -9.90 13.45
N LEU B 28 45.08 -10.62 14.38
CA LEU B 28 45.86 -11.55 15.21
C LEU B 28 45.64 -13.00 14.76
N VAL B 43 38.44 -13.90 8.97
CA VAL B 43 38.15 -13.09 10.15
C VAL B 43 36.64 -13.08 10.33
N LEU B 44 36.18 -12.33 11.33
CA LEU B 44 34.75 -12.11 11.54
C LEU B 44 34.10 -11.41 10.35
N SER B 45 32.84 -11.71 10.12
CA SER B 45 32.06 -11.09 9.05
C SER B 45 31.91 -9.58 9.24
N ARG B 46 31.57 -8.89 8.16
CA ARG B 46 31.30 -7.45 8.24
C ARG B 46 30.22 -7.06 9.29
N PRO B 47 29.09 -7.76 9.34
CA PRO B 47 28.13 -7.40 10.40
C PRO B 47 28.68 -7.61 11.82
N GLN B 49 31.80 -7.38 12.79
CA GLN B 49 32.73 -6.28 13.04
C GLN B 49 32.02 -4.99 13.38
N ARG B 50 30.99 -4.62 12.62
CA ARG B 50 30.22 -3.42 12.96
C ARG B 50 29.63 -3.47 14.36
N LYS B 51 29.05 -4.60 14.71
CA LYS B 51 28.45 -4.74 16.03
C LYS B 51 29.48 -4.72 17.16
N LEU B 52 30.66 -5.27 16.90
CA LEU B 52 31.77 -5.18 17.87
C LEU B 52 32.22 -3.76 18.10
N VAL B 53 32.36 -3.00 17.01
CA VAL B 53 32.76 -1.60 17.09
C VAL B 53 31.76 -0.81 17.92
N THR B 54 30.47 -1.06 17.68
CA THR B 54 29.41 -0.40 18.44
C THR B 54 29.52 -0.67 19.94
N LEU B 55 29.75 -1.93 20.32
CA LEU B 55 29.90 -2.26 21.73
C LEU B 55 31.13 -1.57 22.29
N VAL B 56 32.25 -1.68 21.58
CA VAL B 56 33.52 -1.10 22.07
C VAL B 56 33.42 0.39 22.40
N HIS B 57 32.58 1.10 21.64
CA HIS B 57 32.41 2.55 21.77
CA HIS B 57 32.46 2.54 21.81
C HIS B 57 31.58 2.94 23.01
N CYS B 58 30.87 1.99 23.62
CA CYS B 58 30.05 2.33 24.80
C CYS B 58 30.85 2.72 26.06
N GLN B 59 30.51 3.85 26.67
CA GLN B 59 31.18 4.31 27.89
C GLN B 59 30.54 3.72 29.13
N LEU B 60 31.17 2.73 29.73
CA LEU B 60 30.49 2.04 30.82
C LEU B 60 30.44 2.83 32.14
N VAL B 61 31.14 3.97 32.17
CA VAL B 61 31.23 4.75 33.41
C VAL B 61 30.02 5.65 33.64
N GLU B 62 29.07 5.64 32.71
CA GLU B 62 27.83 6.37 32.92
C GLU B 62 26.63 5.58 32.42
N GLU B 63 25.47 5.92 32.98
CA GLU B 63 24.28 5.12 32.78
C GLU B 63 23.91 4.98 31.31
N GLU B 64 24.00 6.07 30.58
CA GLU B 64 23.59 6.09 29.19
C GLU B 64 24.44 5.13 28.33
N GLY B 65 25.73 5.04 28.66
CA GLY B 65 26.63 4.10 28.01
C GLY B 65 26.35 2.66 28.41
N ARG B 66 25.96 2.43 29.65
CA ARG B 66 25.65 1.08 30.13
C ARG B 66 24.37 0.55 29.45
N ILE B 67 23.41 1.45 29.28
CA ILE B 67 22.17 1.18 28.54
C ILE B 67 22.50 0.80 27.10
N ARG B 68 23.32 1.64 26.45
CA ARG B 68 23.78 1.37 25.09
C ARG B 68 24.56 0.06 24.97
N ALA B 69 25.39 -0.25 25.97
CA ALA B 69 26.15 -1.48 25.95
C ALA B 69 25.29 -2.75 26.02
N ARG B 71 22.23 -3.07 24.86
CA ARG B 71 21.61 -3.22 23.53
C ARG B 71 22.62 -3.74 22.51
N ALA B 72 23.85 -3.23 22.61
CA ALA B 72 24.91 -3.65 21.70
C ALA B 72 25.30 -5.09 21.96
N ALA B 73 25.31 -5.53 23.24
CA ALA B 73 25.63 -6.91 23.56
C ALA B 73 24.56 -7.82 22.99
N ARG B 74 23.29 -7.41 23.15
CA ARG B 74 22.18 -8.25 22.59
C ARG B 74 22.30 -8.36 21.08
N SER B 75 22.65 -7.26 20.44
CA SER B 75 22.70 -7.25 18.98
C SER B 75 23.86 -8.12 18.48
N LEU B 76 24.99 -8.04 19.19
CA LEU B 76 26.14 -8.85 18.88
C LEU B 76 25.84 -10.33 19.15
N GLY B 77 25.14 -10.62 20.24
CA GLY B 77 24.76 -11.99 20.50
C GLY B 77 23.83 -12.56 19.44
N GLU B 78 22.89 -11.76 18.98
CA GLU B 78 21.93 -12.27 17.99
C GLU B 78 22.61 -12.63 16.69
N ARG B 79 23.52 -11.76 16.25
CA ARG B 79 24.27 -12.00 15.03
C ARG B 79 25.18 -13.21 15.21
N THR B 80 25.73 -13.38 16.42
CA THR B 80 26.58 -14.54 16.66
C THR B 80 25.86 -15.88 16.39
N VAL B 81 24.57 -15.97 16.75
CA VAL B 81 23.82 -17.18 16.45
C VAL B 81 23.81 -17.44 14.95
N THR B 82 23.53 -16.40 14.17
CA THR B 82 23.47 -16.54 12.72
C THR B 82 24.81 -17.02 12.18
N GLU B 83 25.91 -16.46 12.70
CA GLU B 83 27.25 -16.85 12.21
C GLU B 83 27.58 -18.28 12.57
N LEU B 84 27.14 -18.72 13.75
CA LEU B 84 27.36 -20.09 14.16
C LEU B 84 26.59 -21.05 13.27
N ILE B 85 25.34 -20.73 12.95
CA ILE B 85 24.60 -21.60 12.03
C ILE B 85 25.29 -21.61 10.65
N LEU B 86 25.62 -20.43 10.12
CA LEU B 86 26.27 -20.33 8.81
C LEU B 86 27.57 -21.12 8.71
N GLN B 87 28.34 -21.12 9.78
CA GLN B 87 29.66 -21.73 9.75
C GLN B 87 29.53 -23.25 9.77
N HIS B 88 28.54 -23.75 10.49
CA HIS B 88 28.24 -25.17 10.59
C HIS B 88 27.49 -25.71 9.36
N GLN B 89 26.75 -24.84 8.68
CA GLN B 89 25.87 -25.26 7.60
C GLN B 89 26.63 -25.80 6.38
N ASN B 90 26.18 -26.95 5.88
CA ASN B 90 26.79 -27.63 4.75
C ASN B 90 26.07 -27.16 3.50
N PRO B 91 26.68 -26.26 2.71
CA PRO B 91 26.07 -25.76 1.48
C PRO B 91 25.67 -26.81 0.45
N GLN B 92 26.33 -27.97 0.41
CA GLN B 92 25.96 -29.00 -0.58
C GLN B 92 24.67 -29.73 -0.22
N GLN B 93 24.32 -29.71 1.06
CA GLN B 93 23.12 -30.36 1.56
C GLN B 93 21.96 -29.39 1.77
N LEU B 94 22.18 -28.10 1.53
CA LEU B 94 21.19 -27.09 1.86
C LEU B 94 19.82 -27.27 1.21
N SER B 95 19.76 -27.38 -0.12
CA SER B 95 18.48 -27.51 -0.78
C SER B 95 17.83 -28.81 -0.35
N SER B 96 18.64 -29.85 -0.20
CA SER B 96 18.12 -31.13 0.26
C SER B 96 17.51 -31.06 1.68
N ASN B 97 18.18 -30.41 2.60
CA ASN B 97 17.63 -30.20 3.95
C ASN B 97 16.35 -29.35 3.92
N LEU B 98 16.33 -28.34 3.06
CA LEU B 98 15.15 -27.46 2.95
C LEU B 98 13.97 -28.27 2.51
N TRP B 99 14.10 -28.96 1.38
CA TRP B 99 12.95 -29.66 0.84
C TRP B 99 12.54 -30.83 1.72
N ALA B 100 13.49 -31.47 2.40
CA ALA B 100 13.12 -32.48 3.37
C ALA B 100 12.28 -31.91 4.52
N ALA B 101 12.59 -30.69 4.96
CA ALA B 101 11.82 -30.08 6.04
C ALA B 101 10.39 -29.75 5.58
N VAL B 102 10.26 -29.26 4.35
CA VAL B 102 8.95 -28.98 3.77
C VAL B 102 8.11 -30.24 3.64
N ARG B 103 8.69 -31.28 3.05
CA ARG B 103 7.95 -32.52 2.83
C ARG B 103 7.56 -33.21 4.14
N ALA B 104 8.44 -33.13 5.16
CA ALA B 104 8.14 -33.75 6.47
C ALA B 104 6.87 -33.16 7.11
N ARG B 105 6.54 -31.94 6.73
CA ARG B 105 5.31 -31.32 7.18
C ARG B 105 4.06 -31.58 6.30
N GLY B 106 4.17 -32.49 5.36
CA GLY B 106 3.07 -32.80 4.46
C GLY B 106 2.82 -31.68 3.45
N CYS B 107 3.85 -30.87 3.21
CA CYS B 107 3.85 -29.76 2.24
C CYS B 107 4.76 -30.10 1.08
N GLN B 108 4.74 -29.30 0.00
CA GLN B 108 5.62 -29.61 -1.11
C GLN B 108 5.77 -28.38 -1.98
N PHE B 109 6.97 -28.19 -2.48
CA PHE B 109 7.25 -27.15 -3.48
C PHE B 109 7.63 -27.84 -4.78
N LEU B 110 6.81 -27.65 -5.80
CA LEU B 110 6.89 -28.47 -7.00
C LEU B 110 7.89 -27.95 -8.03
N GLY B 111 8.65 -26.92 -7.64
CA GLY B 111 9.58 -26.30 -8.57
C GLY B 111 9.01 -24.96 -8.98
N PRO B 112 9.88 -24.02 -9.40
CA PRO B 112 9.43 -22.66 -9.66
C PRO B 112 8.28 -22.57 -10.69
N ALA B 113 8.41 -23.22 -11.84
CA ALA B 113 7.37 -23.09 -12.87
C ALA B 113 6.09 -23.76 -12.44
N GLN B 115 5.04 -24.73 -9.40
CA GLN B 115 4.40 -24.12 -8.22
C GLN B 115 3.66 -22.85 -8.60
N GLU B 116 4.27 -22.03 -9.45
CA GLU B 116 3.61 -20.81 -9.88
C GLU B 116 2.27 -21.13 -10.58
N GLU B 117 2.28 -22.13 -11.46
CA GLU B 117 1.06 -22.44 -12.19
C GLU B 117 0.00 -23.05 -11.26
N ALA B 118 0.44 -23.88 -10.30
CA ALA B 118 -0.48 -24.45 -9.30
C ALA B 118 -1.15 -23.36 -8.47
N LEU B 119 -0.39 -22.36 -8.03
CA LEU B 119 -0.93 -21.27 -7.24
C LEU B 119 -1.89 -20.42 -8.07
N LYS B 120 -1.56 -20.18 -9.34
CA LYS B 120 -2.50 -19.47 -10.22
C LYS B 120 -3.85 -20.19 -10.41
N LEU B 121 -3.81 -21.52 -10.47
CA LEU B 121 -5.02 -22.31 -10.51
C LEU B 121 -5.83 -22.30 -9.21
N VAL B 122 -5.13 -22.31 -8.08
CA VAL B 122 -5.83 -22.09 -6.80
C VAL B 122 -6.57 -20.75 -6.83
N LEU B 123 -5.91 -19.72 -7.35
CA LEU B 123 -6.56 -18.41 -7.52
C LEU B 123 -7.70 -18.43 -8.54
N LEU B 124 -7.50 -19.12 -9.65
CA LEU B 124 -8.58 -19.25 -10.62
C LEU B 124 -9.85 -19.80 -9.93
N ALA B 125 -9.65 -20.81 -9.07
CA ALA B 125 -10.75 -21.39 -8.31
C ALA B 125 -11.33 -20.44 -7.25
N LEU B 126 -10.48 -19.75 -6.48
CA LEU B 126 -10.93 -19.15 -5.22
C LEU B 126 -10.82 -17.63 -5.11
N GLU B 127 -10.23 -16.99 -6.11
CA GLU B 127 -9.94 -15.56 -5.98
C GLU B 127 -11.20 -14.72 -5.93
N ASP B 128 -12.34 -15.29 -6.33
CA ASP B 128 -13.61 -14.56 -6.31
C ASP B 128 -14.45 -14.87 -5.06
N GLY B 129 -13.89 -15.58 -4.09
CA GLY B 129 -14.57 -15.83 -2.84
C GLY B 129 -15.36 -17.12 -2.85
N SER B 130 -15.24 -17.88 -3.94
CA SER B 130 -15.81 -19.22 -4.01
C SER B 130 -15.34 -20.09 -2.83
N ALA B 131 -16.22 -20.98 -2.40
CA ALA B 131 -15.92 -21.89 -1.30
C ALA B 131 -15.99 -23.33 -1.80
N LEU B 132 -14.88 -24.05 -1.71
CA LEU B 132 -14.81 -25.42 -2.21
C LEU B 132 -14.29 -26.34 -1.11
N SER B 133 -14.67 -27.60 -1.13
CA SER B 133 -14.02 -28.55 -0.22
C SER B 133 -12.57 -28.74 -0.67
N ARG B 134 -11.73 -29.20 0.24
CA ARG B 134 -10.37 -29.55 -0.13
C ARG B 134 -10.28 -30.52 -1.31
N LYS B 135 -11.09 -31.56 -1.30
CA LYS B 135 -11.07 -32.54 -2.36
C LYS B 135 -11.41 -31.93 -3.75
N VAL B 136 -12.40 -31.04 -3.74
CA VAL B 136 -12.85 -30.43 -4.99
C VAL B 136 -11.82 -29.40 -5.48
N LEU B 137 -11.27 -28.63 -4.56
CA LEU B 137 -10.19 -27.69 -4.90
C LEU B 137 -9.01 -28.39 -5.56
N VAL B 138 -8.59 -29.50 -4.97
CA VAL B 138 -7.47 -30.28 -5.47
C VAL B 138 -7.77 -30.81 -6.85
N LEU B 139 -9.00 -31.28 -7.01
CA LEU B 139 -9.39 -31.84 -8.30
C LEU B 139 -9.38 -30.74 -9.37
N PHE B 140 -9.91 -29.57 -9.03
CA PHE B 140 -9.97 -28.43 -9.95
C PHE B 140 -8.55 -28.15 -10.47
N VAL B 141 -7.61 -28.11 -9.55
CA VAL B 141 -6.23 -27.79 -9.91
C VAL B 141 -5.55 -28.90 -10.73
N VAL B 142 -5.61 -30.14 -10.25
CA VAL B 142 -4.95 -31.25 -10.98
C VAL B 142 -5.43 -31.35 -12.42
N GLN B 143 -6.74 -31.24 -12.63
CA GLN B 143 -7.34 -31.38 -13.95
C GLN B 143 -6.79 -30.33 -14.90
N ARG B 144 -6.51 -29.14 -14.36
CA ARG B 144 -6.02 -28.07 -15.23
C ARG B 144 -4.51 -28.08 -15.35
N LEU B 145 -3.84 -28.65 -14.35
CA LEU B 145 -2.40 -28.60 -14.38
C LEU B 145 -1.74 -29.79 -15.10
N GLU B 146 -2.40 -30.92 -15.04
CA GLU B 146 -1.89 -32.17 -15.60
C GLU B 146 -1.49 -32.12 -17.08
N PRO B 147 -2.30 -31.48 -17.94
CA PRO B 147 -1.89 -31.44 -19.36
C PRO B 147 -0.51 -30.83 -19.57
N ARG B 148 -0.14 -29.83 -18.77
CA ARG B 148 1.16 -29.18 -18.90
C ARG B 148 2.25 -29.78 -18.01
N PHE B 149 1.85 -30.31 -16.84
CA PHE B 149 2.79 -30.93 -15.91
C PHE B 149 2.28 -32.31 -15.50
N PRO B 150 2.72 -33.34 -16.24
CA PRO B 150 2.19 -34.70 -16.07
C PRO B 150 2.36 -35.24 -14.65
N GLN B 151 3.36 -34.75 -13.93
CA GLN B 151 3.59 -35.24 -12.57
C GLN B 151 2.51 -34.79 -11.57
N ALA B 152 1.60 -33.92 -12.03
CA ALA B 152 0.54 -33.37 -11.20
C ALA B 152 -0.43 -34.43 -10.73
N SER B 153 -0.57 -34.59 -9.42
CA SER B 153 -1.48 -35.61 -8.92
C SER B 153 -2.22 -35.10 -7.73
N LYS B 154 -3.21 -35.86 -7.31
CA LYS B 154 -3.97 -35.49 -6.13
C LYS B 154 -3.06 -35.43 -4.91
N THR B 155 -2.11 -36.35 -4.83
CA THR B 155 -1.11 -36.35 -3.76
C THR B 155 -0.27 -35.08 -3.75
N SER B 156 0.34 -34.75 -4.89
CA SER B 156 1.26 -33.63 -4.93
C SER B 156 0.57 -32.28 -4.80
N ILE B 157 -0.61 -32.13 -5.42
CA ILE B 157 -1.35 -30.88 -5.29
C ILE B 157 -1.95 -30.77 -3.91
N GLY B 158 -2.27 -31.93 -3.32
CA GLY B 158 -2.72 -31.94 -1.94
C GLY B 158 -1.68 -31.28 -1.03
N HIS B 159 -0.41 -31.56 -1.30
CA HIS B 159 0.68 -31.01 -0.48
C HIS B 159 0.84 -29.48 -0.67
N VAL B 160 0.54 -28.99 -1.88
CA VAL B 160 0.60 -27.56 -2.12
C VAL B 160 -0.53 -26.88 -1.38
N VAL B 161 -1.73 -27.48 -1.45
CA VAL B 161 -2.85 -26.95 -0.71
C VAL B 161 -2.55 -26.96 0.82
N GLN B 162 -1.92 -28.03 1.28
CA GLN B 162 -1.59 -28.10 2.71
C GLN B 162 -0.61 -27.01 3.12
N LEU B 163 0.34 -26.68 2.23
CA LEU B 163 1.23 -25.57 2.47
C LEU B 163 0.49 -24.22 2.65
N LEU B 164 -0.46 -23.93 1.76
CA LEU B 164 -1.25 -22.71 1.91
C LEU B 164 -2.12 -22.80 3.18
N TYR B 165 -2.58 -23.99 3.50
CA TYR B 165 -3.36 -24.15 4.74
C TYR B 165 -2.52 -23.81 5.99
N ARG B 166 -1.31 -24.35 6.03
CA ARG B 166 -0.41 -24.13 7.13
C ARG B 166 0.01 -22.68 7.16
N ALA B 167 -0.05 -22.02 5.99
CA ALA B 167 0.27 -20.61 5.91
C ALA B 167 -0.89 -19.71 6.34
N SER B 168 -1.99 -20.33 6.79
CA SER B 168 -3.19 -19.61 7.24
CA SER B 168 -3.16 -19.57 7.26
C SER B 168 -3.83 -18.75 6.14
N CYS B 169 -3.78 -19.26 4.91
CA CYS B 169 -4.38 -18.53 3.80
C CYS B 169 -5.90 -18.76 3.61
N PHE B 170 -6.43 -19.79 4.25
CA PHE B 170 -7.85 -20.15 4.05
C PHE B 170 -8.75 -19.74 5.19
N LYS B 171 -9.99 -19.39 4.85
CA LYS B 171 -11.06 -19.26 5.81
C LYS B 171 -11.87 -20.55 5.69
N VAL B 172 -11.98 -21.28 6.78
CA VAL B 172 -12.58 -22.62 6.74
C VAL B 172 -13.96 -22.55 7.36
N THR B 173 -14.92 -23.19 6.70
CA THR B 173 -16.29 -23.24 7.19
C THR B 173 -16.62 -24.70 7.44
N LYS B 174 -16.75 -25.07 8.71
CA LYS B 174 -17.04 -26.48 9.00
C LYS B 174 -18.49 -26.80 8.66
N ARG B 175 -18.75 -28.07 8.35
CA ARG B 175 -20.11 -28.51 8.11
C ARG B 175 -20.39 -29.82 8.84
N ASP B 176 -21.57 -29.94 9.44
CA ASP B 176 -21.98 -31.20 10.05
C ASP B 176 -22.35 -32.19 8.95
N GLU B 177 -21.84 -33.41 9.05
CA GLU B 177 -22.11 -34.47 8.08
C GLU B 177 -21.64 -34.16 6.67
N ASP B 178 -20.56 -33.39 6.54
CA ASP B 178 -19.95 -33.15 5.24
C ASP B 178 -18.55 -32.56 5.44
N SER B 179 -17.76 -32.53 4.37
CA SER B 179 -16.41 -31.94 4.41
C SER B 179 -16.48 -30.47 4.69
N SER B 180 -15.38 -29.87 5.12
CA SER B 180 -15.38 -28.46 5.36
C SER B 180 -15.19 -27.74 4.02
N LEU B 181 -15.69 -26.51 3.94
CA LEU B 181 -15.47 -25.68 2.75
C LEU B 181 -14.30 -24.73 3.03
N GLN B 183 -12.42 -21.12 1.65
CA GLN B 183 -12.26 -19.94 0.86
C GLN B 183 -10.87 -19.40 1.11
N LEU B 184 -10.31 -18.70 0.13
CA LEU B 184 -9.16 -17.84 0.42
C LEU B 184 -9.62 -16.68 1.28
N LYS B 185 -8.86 -16.36 2.35
CA LYS B 185 -9.15 -15.14 3.08
C LYS B 185 -9.17 -13.95 2.13
N GLU B 186 -10.04 -12.97 2.39
CA GLU B 186 -10.16 -11.82 1.49
C GLU B 186 -8.83 -11.16 1.15
N GLU B 187 -7.92 -11.10 2.12
CA GLU B 187 -6.62 -10.44 1.92
C GLU B 187 -5.66 -11.23 1.06
N PHE B 188 -6.00 -12.47 0.69
CA PHE B 188 -5.06 -13.30 -0.11
C PHE B 188 -5.67 -13.73 -1.45
N ARG B 189 -6.52 -12.90 -2.03
CA ARG B 189 -7.20 -13.27 -3.27
C ARG B 189 -6.54 -12.63 -4.49
N THR B 190 -5.23 -12.39 -4.40
CA THR B 190 -4.44 -11.93 -5.52
C THR B 190 -3.18 -12.77 -5.55
N TYR B 191 -2.56 -12.88 -6.72
CA TYR B 191 -1.31 -13.60 -6.83
C TYR B 191 -0.22 -13.00 -5.95
N GLU B 192 -0.12 -11.69 -5.95
CA GLU B 192 0.90 -10.98 -5.17
CA GLU B 192 0.94 -11.02 -5.18
C GLU B 192 0.80 -11.38 -3.70
N ALA B 193 -0.41 -11.27 -3.17
CA ALA B 193 -0.63 -11.53 -1.76
C ALA B 193 -0.53 -13.02 -1.40
N LEU B 194 -1.07 -13.90 -2.25
CA LEU B 194 -1.00 -15.33 -1.97
C LEU B 194 0.45 -15.81 -2.06
N ARG B 195 1.18 -15.36 -3.06
CA ARG B 195 2.55 -15.82 -3.30
C ARG B 195 3.46 -15.39 -2.15
N ARG B 196 3.23 -14.20 -1.60
CA ARG B 196 4.02 -13.70 -0.47
C ARG B 196 3.78 -14.56 0.77
N GLU B 197 2.54 -14.90 1.04
CA GLU B 197 2.20 -15.72 2.20
C GLU B 197 2.80 -17.14 2.07
N HIS B 198 2.71 -17.70 0.86
CA HIS B 198 3.31 -18.97 0.49
C HIS B 198 4.84 -18.96 0.71
N ASP B 199 5.49 -17.96 0.17
CA ASP B 199 6.97 -17.91 0.25
C ASP B 199 7.37 -17.74 1.70
N SER B 200 6.67 -16.87 2.40
CA SER B 200 6.91 -16.65 3.82
C SER B 200 6.84 -17.92 4.66
N GLN B 201 5.84 -18.75 4.38
CA GLN B 201 5.70 -20.03 5.07
C GLN B 201 6.90 -20.95 4.80
N ILE B 202 7.38 -21.00 3.55
CA ILE B 202 8.57 -21.81 3.30
C ILE B 202 9.81 -21.28 4.05
N VAL B 203 10.00 -19.98 4.04
CA VAL B 203 11.05 -19.38 4.87
C VAL B 203 10.94 -19.77 6.37
N GLN B 204 9.74 -19.73 6.93
CA GLN B 204 9.57 -20.13 8.33
C GLN B 204 9.92 -21.59 8.58
N ILE B 205 9.49 -22.47 7.68
CA ILE B 205 9.88 -23.89 7.78
C ILE B 205 11.41 -24.05 7.76
N ALA B 206 12.07 -23.30 6.90
CA ALA B 206 13.52 -23.44 6.74
C ALA B 206 14.18 -22.96 8.03
N GLU B 208 12.94 -22.87 11.06
CA GLU B 208 12.68 -23.86 12.11
C GLU B 208 13.50 -25.14 11.97
N ALA B 209 13.92 -25.47 10.75
CA ALA B 209 14.85 -26.56 10.48
C ALA B 209 16.32 -26.15 10.73
N GLY B 210 16.51 -24.95 11.28
CA GLY B 210 17.84 -24.42 11.56
C GLY B 210 18.64 -24.03 10.32
N LEU B 211 17.95 -23.67 9.23
CA LEU B 211 18.64 -23.27 8.00
C LEU B 211 18.68 -21.76 7.88
N ARG B 212 19.77 -21.25 7.31
CA ARG B 212 19.90 -19.84 7.09
C ARG B 212 20.26 -19.61 5.63
N ILE B 213 19.30 -19.08 4.89
CA ILE B 213 19.41 -18.90 3.45
C ILE B 213 19.25 -17.41 3.11
N ALA B 214 20.17 -16.89 2.30
CA ALA B 214 20.16 -15.48 1.91
C ALA B 214 19.18 -15.24 0.77
N PRO B 215 18.68 -13.99 0.65
CA PRO B 215 17.67 -13.63 -0.36
C PRO B 215 18.05 -14.04 -1.77
N ASP B 216 19.34 -14.00 -2.11
CA ASP B 216 19.74 -14.41 -3.45
C ASP B 216 19.53 -15.91 -3.73
N GLN B 217 19.91 -16.75 -2.78
CA GLN B 217 19.66 -18.16 -2.92
C GLN B 217 18.15 -18.48 -2.81
N TRP B 218 17.41 -17.73 -1.99
CA TRP B 218 15.95 -17.92 -1.95
C TRP B 218 15.32 -17.60 -3.30
N SER B 219 15.83 -16.58 -3.96
CA SER B 219 15.36 -16.27 -5.31
C SER B 219 15.60 -17.47 -6.23
N SER B 220 16.80 -18.03 -6.21
CA SER B 220 17.09 -19.20 -7.01
CA SER B 220 17.08 -19.20 -7.02
C SER B 220 16.16 -20.37 -6.65
N LEU B 221 15.99 -20.60 -5.36
CA LEU B 221 15.20 -21.74 -4.91
C LEU B 221 13.73 -21.64 -5.28
N LEU B 222 13.14 -20.48 -5.10
CA LEU B 222 11.69 -20.38 -5.25
C LEU B 222 11.25 -19.89 -6.61
N TYR B 223 12.16 -19.22 -7.33
CA TYR B 223 11.81 -18.59 -8.62
C TYR B 223 12.68 -19.06 -9.80
N GLY B 224 13.81 -19.69 -9.51
CA GLY B 224 14.70 -20.19 -10.54
C GLY B 224 15.40 -19.05 -11.27
N ASP B 225 15.43 -17.88 -10.64
CA ASP B 225 16.10 -16.72 -11.16
C ASP B 225 16.67 -15.84 -10.05
N GLN B 226 17.25 -14.71 -10.44
CA GLN B 226 17.84 -13.80 -9.49
C GLN B 226 17.10 -12.47 -9.46
N SER B 227 15.85 -12.45 -9.91
CA SER B 227 15.09 -11.19 -9.93
C SER B 227 14.07 -11.06 -8.81
N HIS B 228 14.16 -11.91 -7.80
CA HIS B 228 13.26 -11.80 -6.66
C HIS B 228 13.99 -11.67 -5.34
N LYS B 229 15.24 -11.19 -5.36
CA LYS B 229 15.96 -10.94 -4.10
C LYS B 229 15.29 -9.94 -3.18
N SER B 230 14.84 -8.80 -3.74
CA SER B 230 14.24 -7.78 -2.89
C SER B 230 12.95 -8.28 -2.22
N HIS B 231 12.21 -9.08 -2.97
CA HIS B 231 10.97 -9.70 -2.47
C HIS B 231 11.28 -10.61 -1.28
N GLN B 233 14.06 -10.70 0.55
CA GLN B 233 14.55 -9.79 1.60
C GLN B 233 13.40 -9.15 2.39
N SER B 234 12.37 -8.68 1.70
CA SER B 234 11.18 -8.16 2.38
C SER B 234 10.55 -9.19 3.31
N ILE B 235 10.41 -10.41 2.82
CA ILE B 235 9.74 -11.44 3.60
C ILE B 235 10.53 -11.81 4.87
N ILE B 236 11.84 -11.92 4.72
CA ILE B 236 12.71 -12.26 5.83
C ILE B 236 12.67 -11.18 6.87
N ASP B 237 12.76 -9.92 6.44
CA ASP B 237 12.79 -8.79 7.39
C ASP B 237 11.47 -8.67 8.14
N LYS B 238 10.36 -8.98 7.48
CA LYS B 238 9.06 -8.98 8.16
C LYS B 238 8.94 -10.09 9.20
N LEU B 239 9.75 -11.13 9.11
CA LEU B 239 9.72 -12.19 10.10
C LEU B 239 10.50 -11.87 11.39
N GLN B 240 11.33 -10.83 11.33
CA GLN B 240 12.20 -10.44 12.46
C GLN B 240 11.45 -9.71 13.57
N THR B 241 11.42 -10.32 14.77
CA THR B 241 10.76 -9.80 15.98
C THR B 241 11.71 -9.89 17.20
N PRO B 242 11.34 -9.25 18.33
CA PRO B 242 12.08 -9.42 19.60
C PRO B 242 12.21 -10.88 20.04
N ALA B 243 11.24 -11.71 19.67
CA ALA B 243 11.30 -13.16 19.93
C ALA B 243 12.32 -13.90 19.05
N SER B 244 12.75 -13.26 17.96
CA SER B 244 13.56 -13.95 16.96
C SER B 244 14.86 -14.49 17.52
N PHE B 245 15.54 -13.70 18.35
CA PHE B 245 16.83 -14.13 18.90
C PHE B 245 16.60 -15.44 19.67
N ALA B 246 15.69 -15.45 20.63
CA ALA B 246 15.46 -16.65 21.45
C ALA B 246 15.14 -17.88 20.61
N GLN B 247 14.31 -17.72 19.59
CA GLN B 247 13.99 -18.88 18.77
C GLN B 247 15.20 -19.28 17.93
N SER B 248 16.01 -18.32 17.46
CA SER B 248 17.18 -18.72 16.67
C SER B 248 18.12 -19.57 17.49
N VAL B 249 18.17 -19.34 18.80
CA VAL B 249 18.99 -20.18 19.62
C VAL B 249 18.50 -21.64 19.58
N GLN B 250 17.17 -21.82 19.61
CA GLN B 250 16.65 -23.18 19.53
C GLN B 250 16.88 -23.75 18.11
N GLU B 251 16.87 -22.90 17.11
CA GLU B 251 17.14 -23.35 15.75
C GLU B 251 18.59 -23.79 15.54
N LEU B 252 19.54 -23.10 16.18
CA LEU B 252 20.92 -23.58 16.19
C LEU B 252 21.00 -25.03 16.68
N THR B 253 20.29 -25.34 17.75
CA THR B 253 20.27 -26.68 18.29
C THR B 253 19.83 -27.72 17.28
N ILE B 254 18.78 -27.42 16.51
CA ILE B 254 18.39 -28.30 15.39
C ILE B 254 19.51 -28.51 14.36
N ALA B 255 20.11 -27.42 13.93
CA ALA B 255 21.16 -27.53 12.94
C ALA B 255 22.30 -28.44 13.45
N LEU B 256 22.67 -28.27 14.72
CA LEU B 256 23.78 -29.03 15.29
C LEU B 256 23.49 -30.55 15.36
N GLN B 257 22.22 -30.92 15.42
CA GLN B 257 21.82 -32.32 15.37
C GLN B 257 22.19 -33.04 14.09
N ARG B 258 22.05 -32.36 12.97
CA ARG B 258 22.21 -33.01 11.68
C ARG B 258 23.60 -33.62 11.51
N THR B 259 24.55 -33.10 12.27
CA THR B 259 25.93 -33.53 12.11
C THR B 259 26.46 -34.03 13.43
N GLY B 260 25.66 -33.88 14.48
CA GLY B 260 26.21 -33.99 15.81
C GLY B 260 27.01 -32.72 16.02
N ASP B 261 27.51 -32.55 17.24
CA ASP B 261 28.04 -31.27 17.63
C ASP B 261 29.44 -31.50 18.16
N PRO B 262 30.39 -31.82 17.27
CA PRO B 262 31.78 -32.18 17.62
C PRO B 262 32.46 -31.05 18.39
N ALA B 263 32.19 -29.80 18.03
CA ALA B 263 32.82 -28.66 18.70
C ALA B 263 32.11 -28.23 19.98
N ASN B 264 31.04 -28.95 20.32
CA ASN B 264 30.26 -28.69 21.55
C ASN B 264 29.74 -27.24 21.60
N LEU B 265 29.21 -26.76 20.49
CA LEU B 265 28.70 -25.38 20.44
C LEU B 265 27.46 -25.22 21.32
N ASN B 266 26.79 -26.33 21.61
CA ASN B 266 25.59 -26.29 22.46
C ASN B 266 25.90 -25.82 23.88
N ARG B 267 27.19 -25.86 24.23
CA ARG B 267 27.67 -25.29 25.48
C ARG B 267 27.38 -23.78 25.58
N LEU B 268 27.19 -23.11 24.44
CA LEU B 268 27.00 -21.66 24.43
C LEU B 268 25.55 -21.29 24.76
N ARG B 269 24.66 -22.28 24.74
CA ARG B 269 23.23 -22.02 24.86
C ARG B 269 22.76 -21.12 26.00
N PRO B 270 23.21 -21.37 27.25
CA PRO B 270 22.78 -20.54 28.37
C PRO B 270 23.20 -19.08 28.24
N HIS B 271 24.38 -18.84 27.70
CA HIS B 271 24.84 -17.49 27.49
C HIS B 271 24.03 -16.79 26.40
N LEU B 272 23.75 -17.52 25.33
CA LEU B 272 22.95 -16.97 24.26
C LEU B 272 21.54 -16.65 24.77
N GLU B 273 20.98 -17.54 25.60
CA GLU B 273 19.64 -17.30 26.12
C GLU B 273 19.59 -16.10 27.03
N LEU B 274 20.67 -15.89 27.79
CA LEU B 274 20.72 -14.72 28.67
C LEU B 274 20.71 -13.48 27.81
N LEU B 275 21.52 -13.49 26.77
CA LEU B 275 21.56 -12.33 25.89
C LEU B 275 20.19 -12.10 25.24
N ALA B 276 19.54 -13.17 24.78
CA ALA B 276 18.24 -13.00 24.11
C ALA B 276 17.18 -12.43 25.06
N ASN B 277 17.38 -12.64 26.36
CA ASN B 277 16.46 -12.12 27.36
C ASN B 277 16.68 -10.63 27.64
N ILE B 278 17.76 -10.07 27.12
CA ILE B 278 17.96 -8.65 27.30
C ILE B 278 16.83 -7.90 26.63
N ASP B 279 16.31 -6.89 27.31
CA ASP B 279 15.26 -6.05 26.74
C ASP B 279 15.88 -4.81 26.09
N PRO B 280 15.73 -4.69 24.76
CA PRO B 280 16.29 -3.65 23.89
C PRO B 280 15.38 -2.44 23.74
N SER B 281 14.16 -2.49 24.29
CA SER B 281 13.20 -1.39 24.15
C SER B 281 13.71 -0.11 24.79
N PRO B 282 13.40 1.05 24.16
CA PRO B 282 13.84 2.36 24.65
C PRO B 282 13.46 2.62 26.12
N ASP B 283 12.31 2.10 26.56
CA ASP B 283 11.86 2.33 27.93
C ASP B 283 12.41 1.30 28.94
N ALA B 284 13.37 0.50 28.51
CA ALA B 284 14.00 -0.49 29.38
C ALA B 284 14.81 0.20 30.46
N PRO B 285 14.63 -0.22 31.71
CA PRO B 285 15.43 0.32 32.81
C PRO B 285 16.93 0.11 32.57
N PRO B 286 17.77 0.97 33.18
CA PRO B 286 19.22 0.82 33.17
C PRO B 286 19.59 -0.51 33.80
N PRO B 287 20.65 -1.17 33.30
CA PRO B 287 21.06 -2.42 33.93
C PRO B 287 21.61 -2.22 35.33
N THR B 288 21.44 -3.21 36.20
CA THR B 288 22.23 -3.26 37.44
C THR B 288 23.67 -3.63 37.09
N TRP B 289 24.58 -3.41 38.03
CA TRP B 289 25.97 -3.78 37.81
C TRP B 289 26.15 -5.27 37.60
N GLU B 290 25.39 -6.07 38.34
CA GLU B 290 25.40 -7.50 38.07
C GLU B 290 24.90 -7.83 36.66
N GLN B 291 23.83 -7.18 36.20
CA GLN B 291 23.31 -7.44 34.85
C GLN B 291 24.32 -7.05 33.77
N LEU B 292 25.00 -5.92 33.98
CA LEU B 292 26.04 -5.47 33.07
C LEU B 292 27.20 -6.45 32.98
N GLU B 293 27.76 -6.87 34.12
CA GLU B 293 28.83 -7.86 34.08
C GLU B 293 28.33 -9.16 33.45
N ASN B 294 27.13 -9.59 33.81
CA ASN B 294 26.64 -10.88 33.31
C ASN B 294 26.45 -10.84 31.80
N GLY B 295 25.90 -9.75 31.31
CA GLY B 295 25.66 -9.60 29.88
C GLY B 295 26.95 -9.53 29.08
N LEU B 296 27.92 -8.78 29.60
CA LEU B 296 29.18 -8.65 28.86
C LEU B 296 30.01 -9.91 28.92
N VAL B 297 30.01 -10.62 30.05
CA VAL B 297 30.64 -11.92 30.09
C VAL B 297 30.00 -12.91 29.10
N ALA B 298 28.69 -12.91 29.07
CA ALA B 298 27.96 -13.75 28.10
C ALA B 298 28.39 -13.48 26.67
N VAL B 299 28.47 -12.21 26.29
CA VAL B 299 28.72 -11.93 24.87
C VAL B 299 30.20 -12.19 24.55
N ARG B 300 31.08 -11.90 25.51
CA ARG B 300 32.47 -12.33 25.33
C ARG B 300 32.57 -13.84 25.09
N THR B 301 31.88 -14.61 25.91
CA THR B 301 31.92 -16.06 25.80
C THR B 301 31.44 -16.58 24.42
N VAL B 302 30.32 -16.07 23.93
CA VAL B 302 29.77 -16.57 22.67
C VAL B 302 30.58 -16.11 21.46
N VAL B 303 31.08 -14.88 21.48
CA VAL B 303 31.94 -14.43 20.38
C VAL B 303 33.26 -15.24 20.35
N HIS B 304 33.82 -15.44 21.54
CA HIS B 304 35.01 -16.26 21.64
C HIS B 304 34.75 -17.69 21.13
N GLY B 305 33.58 -18.25 21.46
CA GLY B 305 33.20 -19.55 20.92
C GLY B 305 33.14 -19.61 19.39
N LEU B 306 32.53 -18.59 18.79
CA LEU B 306 32.46 -18.44 17.33
C LEU B 306 33.87 -18.34 16.72
N VAL B 307 34.72 -17.51 17.31
CA VAL B 307 36.07 -17.34 16.73
C VAL B 307 36.86 -18.64 16.74
N ASP B 308 36.80 -19.34 17.87
CA ASP B 308 37.41 -20.68 17.99
C ASP B 308 36.84 -21.65 16.97
N TYR B 309 35.52 -21.67 16.82
CA TYR B 309 34.88 -22.55 15.84
C TYR B 309 35.38 -22.26 14.43
N ILE B 310 35.44 -20.97 14.07
CA ILE B 310 35.89 -20.58 12.73
C ILE B 310 37.35 -21.00 12.48
N GLN B 311 38.20 -20.72 13.46
CA GLN B 311 39.60 -21.14 13.37
C GLN B 311 39.79 -22.66 13.29
N ASN B 312 38.88 -23.43 13.89
CA ASN B 312 39.06 -24.88 13.98
C ASN B 312 38.22 -25.74 13.02
N HIS B 313 37.02 -25.27 12.66
CA HIS B 313 36.10 -26.00 11.76
C HIS B 313 36.56 -25.89 10.31
#